data_8C7B
#
_entry.id   8C7B
#
_entity_poly.entity_id   1
_entity_poly.type   'polydeoxyribonucleotide'
_entity_poly.pdbx_seq_one_letter_code
;(DG)(DG)(DG)(DG)(DC)(DC)
;
_entity_poly.pdbx_strand_id   A,B,C,D
#
loop_
_chem_comp.id
_chem_comp.type
_chem_comp.name
_chem_comp.formula
DC DNA linking 2'-DEOXYCYTIDINE-5'-MONOPHOSPHATE 'C9 H14 N3 O7 P'
DG DNA linking 2'-DEOXYGUANOSINE-5'-MONOPHOSPHATE 'C10 H14 N5 O7 P'
#